data_2VWA
#
_entry.id   2VWA
#
_cell.length_a   82.544
_cell.length_b   38.274
_cell.length_c   145.696
_cell.angle_alpha   90.00
_cell.angle_beta   90.25
_cell.angle_gamma   90.00
#
_symmetry.space_group_name_H-M   'P 1 21 1'
#
loop_
_entity.id
_entity.type
_entity.pdbx_description
1 polymer 'PUTATIVE UNCHARACTERIZED PROTEIN PF13_0012'
2 non-polymer PHOSPHATIDYLETHANOLAMINE
3 water water
#
_entity_poly.entity_id   1
_entity_poly.type   'polypeptide(L)'
_entity_poly.pdbx_seq_one_letter_code
;INKINLNKPIIENKNNVDVSIKRYNNFVDIARLSIQKHFEHLSNDQKDSHVNN(MSE)EY(MSE)QKFVQGLQENRNISL
SKYQENKAV(MSE)DLKYHLQKVYANYLSQEEN
;
_entity_poly.pdbx_strand_id   A,B,C,D,E,F
#
# COMPACT_ATOMS: atom_id res chain seq x y z
N ASN A 2 -5.87 15.87 20.74
CA ASN A 2 -7.14 15.10 20.58
C ASN A 2 -7.50 14.81 19.11
N LYS A 3 -6.47 14.65 18.28
CA LYS A 3 -6.62 14.24 16.89
C LYS A 3 -6.13 12.80 16.71
N ILE A 4 -6.39 12.22 15.55
CA ILE A 4 -5.98 10.84 15.31
C ILE A 4 -4.87 10.75 14.26
N ASN A 5 -3.91 9.86 14.46
CA ASN A 5 -2.83 9.69 13.51
C ASN A 5 -2.97 8.41 12.68
N LEU A 6 -3.24 8.54 11.38
CA LEU A 6 -3.50 7.38 10.56
C LEU A 6 -2.22 6.71 10.12
N ASN A 7 -1.09 7.29 10.53
CA ASN A 7 0.24 6.75 10.25
C ASN A 7 0.76 5.70 11.24
N LYS A 8 0.19 5.66 12.44
CA LYS A 8 0.46 4.58 13.38
C LYS A 8 -0.04 3.27 12.77
N PRO A 9 0.80 2.22 12.80
CA PRO A 9 0.34 0.91 12.35
C PRO A 9 -0.71 0.35 13.31
N ILE A 10 -1.44 -0.65 12.86
CA ILE A 10 -2.45 -1.32 13.66
C ILE A 10 -1.77 -2.32 14.58
N ILE A 11 -2.20 -2.33 15.84
CA ILE A 11 -1.68 -3.29 16.84
C ILE A 11 -2.77 -4.28 17.27
N GLU A 12 -2.37 -5.47 17.66
CA GLU A 12 -3.32 -6.47 18.14
C GLU A 12 -3.87 -5.98 19.50
N ASN A 13 -5.20 -5.91 19.63
CA ASN A 13 -5.82 -5.66 20.92
C ASN A 13 -5.72 -6.94 21.70
N LYS A 14 -5.06 -6.90 22.86
CA LYS A 14 -4.91 -8.09 23.69
C LYS A 14 -5.73 -8.01 24.99
N ASN A 15 -6.48 -6.93 25.14
CA ASN A 15 -7.46 -6.87 26.19
C ASN A 15 -8.67 -7.79 25.93
N ASN A 16 -8.91 -8.74 26.82
CA ASN A 16 -10.19 -9.51 26.78
C ASN A 16 -11.20 -9.21 27.88
N VAL A 17 -11.09 -8.06 28.52
CA VAL A 17 -12.04 -7.63 29.54
C VAL A 17 -12.96 -6.49 29.02
N ASP A 18 -14.20 -6.82 28.71
CA ASP A 18 -15.15 -5.86 28.14
C ASP A 18 -15.39 -4.64 29.05
N VAL A 19 -15.57 -3.46 28.43
CA VAL A 19 -16.17 -2.34 29.15
C VAL A 19 -17.70 -2.57 29.16
N SER A 20 -18.43 -1.85 29.99
CA SER A 20 -19.89 -2.00 30.04
C SER A 20 -20.59 -1.59 28.74
N ILE A 21 -21.78 -2.11 28.53
CA ILE A 21 -22.58 -1.72 27.37
C ILE A 21 -22.79 -0.19 27.25
N LYS A 22 -23.12 0.49 28.36
CA LYS A 22 -23.23 1.95 28.36
C LYS A 22 -21.97 2.68 27.83
N ARG A 23 -20.81 2.34 28.35
CA ARG A 23 -19.56 2.86 27.87
C ARG A 23 -19.26 2.51 26.42
N TYR A 24 -19.53 1.26 26.03
CA TYR A 24 -19.35 0.80 24.66
C TYR A 24 -20.23 1.62 23.72
N ASN A 25 -21.52 1.72 24.02
CA ASN A 25 -22.44 2.45 23.14
C ASN A 25 -22.11 3.92 23.03
N ASN A 26 -21.72 4.53 24.14
CA ASN A 26 -21.44 5.95 24.14
C ASN A 26 -20.17 6.17 23.31
N PHE A 27 -19.14 5.37 23.54
CA PHE A 27 -17.91 5.35 22.72
C PHE A 27 -18.19 5.23 21.24
N VAL A 28 -19.06 4.30 20.86
CA VAL A 28 -19.39 4.11 19.46
C VAL A 28 -20.09 5.36 18.92
N ASP A 29 -20.91 6.00 19.74
CA ASP A 29 -21.54 7.24 19.32
C ASP A 29 -20.49 8.25 18.96
N ILE A 30 -19.54 8.43 19.86
CA ILE A 30 -18.46 9.40 19.69
C ILE A 30 -17.60 9.04 18.45
N ALA A 31 -17.19 7.77 18.34
CA ALA A 31 -16.42 7.26 17.18
C ALA A 31 -17.16 7.49 15.87
N ARG A 32 -18.50 7.30 15.91
CA ARG A 32 -19.35 7.58 14.75
C ARG A 32 -19.22 9.00 14.24
N LEU A 33 -19.42 9.98 15.12
CA LEU A 33 -19.38 11.39 14.67
C LEU A 33 -17.97 11.78 14.31
N SER A 34 -17.00 11.17 14.96
CA SER A 34 -15.64 11.60 14.76
C SER A 34 -15.10 11.19 13.38
N ILE A 35 -15.44 9.99 12.94
CA ILE A 35 -14.94 9.51 11.68
C ILE A 35 -15.83 10.09 10.58
N GLN A 36 -17.07 10.40 10.93
CA GLN A 36 -17.97 11.10 10.01
C GLN A 36 -17.34 12.42 9.61
N LYS A 37 -16.94 13.23 10.60
CA LYS A 37 -16.23 14.48 10.29
C LYS A 37 -14.95 14.29 9.48
N HIS A 38 -14.16 13.27 9.80
CA HIS A 38 -12.99 12.99 9.00
C HIS A 38 -13.37 12.61 7.57
N PHE A 39 -14.39 11.77 7.42
CA PHE A 39 -14.79 11.28 6.10
C PHE A 39 -15.39 12.37 5.22
N GLU A 40 -16.02 13.34 5.84
CA GLU A 40 -16.74 14.36 5.11
C GLU A 40 -15.74 15.39 4.61
N HIS A 41 -14.53 15.37 5.14
CA HIS A 41 -13.52 16.35 4.78
C HIS A 41 -12.60 15.80 3.70
N LEU A 42 -12.67 14.50 3.53
CA LEU A 42 -11.99 13.78 2.48
C LEU A 42 -12.45 14.26 1.11
N SER A 43 -11.55 14.25 0.14
CA SER A 43 -11.96 14.49 -1.24
C SER A 43 -12.84 13.35 -1.81
N ASN A 44 -13.51 13.68 -2.92
CA ASN A 44 -14.35 12.76 -3.64
C ASN A 44 -13.76 11.39 -3.89
N ASP A 45 -12.57 11.35 -4.50
CA ASP A 45 -11.94 10.08 -4.79
C ASP A 45 -11.50 9.39 -3.48
N GLN A 46 -11.12 10.16 -2.47
CA GLN A 46 -10.77 9.55 -1.21
C GLN A 46 -11.97 8.89 -0.51
N LYS A 47 -13.11 9.55 -0.52
CA LYS A 47 -14.24 8.95 0.16
C LYS A 47 -14.74 7.68 -0.54
N ASP A 48 -14.51 7.62 -1.84
CA ASP A 48 -14.73 6.39 -2.60
C ASP A 48 -13.85 5.20 -2.16
N SER A 49 -12.59 5.46 -1.81
CA SER A 49 -11.71 4.35 -1.44
C SER A 49 -11.74 4.02 0.07
N HIS A 50 -12.36 4.88 0.88
CA HIS A 50 -12.34 4.73 2.33
C HIS A 50 -13.64 4.15 2.95
N VAL A 51 -14.78 4.24 2.25
CA VAL A 51 -16.08 3.89 2.80
C VAL A 51 -16.09 2.48 3.30
N ASN A 52 -15.44 1.59 2.58
CA ASN A 52 -15.41 0.21 3.03
C ASN A 52 -13.98 -0.18 3.40
N ASN A 53 -13.14 0.79 3.69
CA ASN A 53 -11.77 0.48 4.03
C ASN A 53 -11.61 0.10 5.51
N GLU A 55 -9.02 -1.19 7.35
CA GLU A 55 -7.84 -0.68 8.00
C GLU A 55 -8.04 0.79 8.48
N TYR A 56 -8.72 1.58 7.64
CA TYR A 56 -9.12 2.92 7.98
C TYR A 56 -10.02 3.00 9.22
N GLN A 58 -10.34 0.61 11.60
CA GLN A 58 -9.52 0.09 12.68
C GLN A 58 -8.58 1.14 13.25
N LYS A 59 -7.84 1.82 12.38
CA LYS A 59 -6.90 2.85 12.83
C LYS A 59 -7.64 3.90 13.63
N PHE A 60 -8.88 4.16 13.24
CA PHE A 60 -9.74 5.12 13.93
C PHE A 60 -10.21 4.66 15.31
N VAL A 61 -10.59 3.39 15.40
CA VAL A 61 -11.06 2.84 16.66
C VAL A 61 -9.88 2.72 17.65
N GLN A 62 -8.70 2.39 17.12
CA GLN A 62 -7.51 2.28 17.95
C GLN A 62 -7.02 3.62 18.48
N GLY A 63 -7.06 4.65 17.63
CA GLY A 63 -6.59 5.98 17.98
C GLY A 63 -7.51 6.55 19.03
N LEU A 64 -8.79 6.32 18.81
CA LEU A 64 -9.82 6.88 19.67
C LEU A 64 -9.76 6.25 21.02
N GLN A 65 -9.43 4.96 21.07
CA GLN A 65 -9.21 4.31 22.36
C GLN A 65 -8.07 4.93 23.17
N GLU A 66 -6.91 5.16 22.53
CA GLU A 66 -5.77 5.81 23.22
C GLU A 66 -6.12 7.20 23.72
N ASN A 67 -6.62 8.03 22.82
CA ASN A 67 -7.02 9.41 23.11
C ASN A 67 -8.07 9.56 24.22
N ARG A 68 -9.08 8.70 24.22
CA ARG A 68 -10.15 8.77 25.20
C ARG A 68 -9.80 7.96 26.44
N ASN A 69 -8.58 7.43 26.46
CA ASN A 69 -8.13 6.51 27.52
C ASN A 69 -9.19 5.52 27.91
N ILE A 70 -9.68 4.76 26.94
CA ILE A 70 -10.60 3.68 27.22
C ILE A 70 -10.10 2.46 26.48
N SER A 71 -10.14 1.31 27.13
CA SER A 71 -9.66 0.12 26.47
C SER A 71 -10.78 -0.88 26.26
N LEU A 72 -11.31 -0.91 25.03
CA LEU A 72 -12.28 -1.89 24.59
C LEU A 72 -11.61 -3.24 24.61
N SER A 73 -12.40 -4.30 24.74
CA SER A 73 -11.87 -5.62 24.47
C SER A 73 -11.73 -5.90 22.97
N LYS A 74 -10.92 -6.91 22.62
CA LYS A 74 -10.69 -7.27 21.22
C LYS A 74 -12.03 -7.46 20.54
N TYR A 75 -12.91 -8.21 21.19
CA TYR A 75 -14.24 -8.46 20.63
C TYR A 75 -15.04 -7.15 20.48
N GLN A 76 -14.86 -6.20 21.41
CA GLN A 76 -15.59 -4.96 21.35
C GLN A 76 -15.04 -4.05 20.28
N GLU A 77 -13.73 -4.15 20.04
CA GLU A 77 -13.05 -3.35 19.04
C GLU A 77 -13.48 -3.78 17.64
N ASN A 78 -13.52 -5.09 17.37
CA ASN A 78 -14.06 -5.61 16.11
C ASN A 78 -15.53 -5.29 15.88
N LYS A 79 -16.33 -5.32 16.93
CA LYS A 79 -17.72 -4.95 16.80
C LYS A 79 -17.83 -3.40 16.52
N ALA A 80 -16.94 -2.60 17.08
CA ALA A 80 -17.00 -1.16 16.87
C ALA A 80 -16.64 -0.77 15.43
N VAL A 81 -15.66 -1.46 14.87
CA VAL A 81 -15.23 -1.34 13.47
C VAL A 81 -16.36 -1.68 12.53
N ASP A 83 -19.42 -1.45 13.19
CA ASP A 83 -20.40 -0.41 13.39
C ASP A 83 -20.04 0.84 12.60
N LEU A 84 -18.78 1.25 12.69
CA LEU A 84 -18.30 2.37 11.89
C LEU A 84 -18.45 2.16 10.40
N LYS A 85 -18.25 0.94 9.93
CA LYS A 85 -18.54 0.60 8.53
C LYS A 85 -19.98 0.89 8.13
N TYR A 86 -20.93 0.41 8.92
CA TYR A 86 -22.30 0.59 8.61
C TYR A 86 -22.62 2.10 8.58
N HIS A 87 -22.10 2.83 9.57
CA HIS A 87 -22.33 4.23 9.67
C HIS A 87 -21.75 4.96 8.44
N LEU A 88 -20.50 4.68 8.09
CA LEU A 88 -19.90 5.35 6.94
C LEU A 88 -20.67 5.16 5.64
N GLN A 89 -21.27 3.99 5.47
CA GLN A 89 -22.03 3.69 4.26
C GLN A 89 -23.19 4.62 4.13
N LYS A 90 -23.81 4.89 5.27
CA LYS A 90 -24.92 5.82 5.35
C LYS A 90 -24.50 7.32 5.19
N VAL A 91 -23.36 7.67 5.77
CA VAL A 91 -22.83 9.01 5.55
C VAL A 91 -22.60 9.19 4.04
N TYR A 92 -21.96 8.21 3.41
CA TYR A 92 -21.67 8.25 1.99
C TYR A 92 -22.91 8.30 1.12
N ALA A 93 -23.94 7.57 1.51
CA ALA A 93 -25.22 7.59 0.80
C ALA A 93 -25.78 8.99 0.74
N ASN A 94 -25.69 9.68 1.86
CA ASN A 94 -26.24 11.01 1.96
C ASN A 94 -25.42 11.99 1.12
N TYR A 95 -24.10 11.85 1.17
CA TYR A 95 -23.21 12.62 0.32
C TYR A 95 -23.47 12.41 -1.18
N LEU A 96 -23.66 11.16 -1.61
CA LEU A 96 -23.97 10.88 -3.01
C LEU A 96 -25.27 11.54 -3.43
N SER A 97 -26.28 11.50 -2.58
CA SER A 97 -27.53 12.09 -2.99
C SER A 97 -27.42 13.63 -2.96
N GLN A 98 -26.58 14.17 -2.09
CA GLN A 98 -26.21 15.58 -2.15
C GLN A 98 -25.67 15.91 -3.54
N GLU A 99 -24.58 15.24 -3.93
CA GLU A 99 -23.96 15.46 -5.24
C GLU A 99 -24.97 15.43 -6.37
N GLU A 100 -26.01 14.59 -6.25
CA GLU A 100 -27.05 14.46 -7.28
C GLU A 100 -27.88 15.73 -7.47
N ASN A 101 -28.01 16.19 -8.58
N ASN B 2 -36.19 4.05 10.34
CA ASN B 2 -35.10 3.03 10.22
C ASN B 2 -35.59 1.59 10.39
N LYS B 3 -36.81 1.45 10.91
CA LYS B 3 -37.45 0.14 10.99
C LYS B 3 -38.17 -0.16 9.67
N ILE B 4 -37.85 -1.31 9.09
CA ILE B 4 -38.50 -1.78 7.85
C ILE B 4 -39.74 -2.63 8.17
N ASN B 5 -40.84 -2.37 7.47
CA ASN B 5 -42.05 -3.17 7.60
C ASN B 5 -42.05 -4.29 6.55
N LEU B 6 -42.06 -5.54 7.00
CA LEU B 6 -42.05 -6.69 6.08
C LEU B 6 -43.46 -7.21 5.85
N ASN B 7 -44.43 -6.50 6.40
CA ASN B 7 -45.83 -6.88 6.32
C ASN B 7 -46.53 -6.36 5.05
N LYS B 8 -46.15 -5.17 4.60
CA LYS B 8 -46.64 -4.59 3.34
C LYS B 8 -46.44 -5.56 2.18
N PRO B 9 -47.46 -5.73 1.33
CA PRO B 9 -47.26 -6.59 0.15
C PRO B 9 -46.24 -6.02 -0.85
N ILE B 10 -45.80 -6.85 -1.79
CA ILE B 10 -44.87 -6.46 -2.84
C ILE B 10 -45.58 -5.71 -3.95
N ILE B 11 -45.11 -4.50 -4.25
CA ILE B 11 -45.67 -3.67 -5.32
C ILE B 11 -44.78 -3.73 -6.56
N GLU B 12 -45.35 -3.61 -7.74
CA GLU B 12 -44.55 -3.62 -8.98
C GLU B 12 -43.69 -2.35 -9.05
N ASN B 13 -42.42 -2.51 -9.36
CA ASN B 13 -41.56 -1.34 -9.57
C ASN B 13 -41.82 -0.77 -10.97
N LYS B 14 -42.29 0.48 -10.98
CA LYS B 14 -42.69 1.18 -12.21
C LYS B 14 -41.69 2.28 -12.68
N ASN B 15 -40.58 2.41 -11.99
CA ASN B 15 -39.50 3.27 -12.41
C ASN B 15 -38.55 2.55 -13.39
N ASN B 16 -38.24 3.19 -14.51
CA ASN B 16 -37.21 2.71 -15.44
C ASN B 16 -36.14 3.77 -15.69
N VAL B 17 -35.89 4.61 -14.70
CA VAL B 17 -34.79 5.53 -14.76
C VAL B 17 -33.75 5.09 -13.70
N ASP B 18 -32.68 4.47 -14.20
CA ASP B 18 -31.62 3.95 -13.34
C ASP B 18 -31.04 5.06 -12.47
N VAL B 19 -30.84 4.68 -11.23
CA VAL B 19 -29.97 5.40 -10.33
C VAL B 19 -28.49 5.19 -10.80
N SER B 20 -27.61 6.12 -10.47
CA SER B 20 -26.18 5.97 -10.77
C SER B 20 -25.57 4.73 -10.13
N ILE B 21 -24.56 4.20 -10.80
CA ILE B 21 -23.88 3.03 -10.34
C ILE B 21 -23.29 3.22 -8.93
N LYS B 22 -22.63 4.34 -8.66
CA LYS B 22 -22.13 4.58 -7.30
C LYS B 22 -23.25 4.47 -6.28
N ARG B 23 -24.38 5.13 -6.56
CA ARG B 23 -25.54 5.12 -5.68
C ARG B 23 -26.10 3.72 -5.50
N TYR B 24 -26.15 2.98 -6.61
CA TYR B 24 -26.59 1.61 -6.62
C TYR B 24 -25.68 0.76 -5.73
N ASN B 25 -24.36 0.84 -5.95
CA ASN B 25 -23.44 -0.04 -5.19
C ASN B 25 -23.47 0.33 -3.73
N ASN B 26 -23.68 1.61 -3.44
CA ASN B 26 -23.69 2.01 -2.06
C ASN B 26 -24.95 1.44 -1.40
N PHE B 27 -26.07 1.52 -2.12
CA PHE B 27 -27.35 1.04 -1.61
C PHE B 27 -27.29 -0.45 -1.32
N VAL B 28 -26.71 -1.18 -2.25
CA VAL B 28 -26.48 -2.60 -2.07
C VAL B 28 -25.57 -2.87 -0.87
N ASP B 29 -24.52 -2.06 -0.67
CA ASP B 29 -23.61 -2.24 0.46
C ASP B 29 -24.46 -2.19 1.75
N ILE B 30 -25.29 -1.15 1.89
CA ILE B 30 -26.16 -0.93 3.02
C ILE B 30 -27.20 -2.04 3.18
N ALA B 31 -27.84 -2.37 2.05
CA ALA B 31 -28.80 -3.45 1.99
C ALA B 31 -28.20 -4.76 2.52
N ARG B 32 -26.96 -5.06 2.10
CA ARG B 32 -26.27 -6.28 2.56
C ARG B 32 -26.18 -6.36 4.06
N LEU B 33 -25.57 -5.34 4.66
CA LEU B 33 -25.45 -5.20 6.11
C LEU B 33 -26.80 -5.20 6.82
N SER B 34 -27.79 -4.47 6.32
CA SER B 34 -29.07 -4.44 6.98
C SER B 34 -29.71 -5.82 7.02
N ILE B 35 -29.90 -6.44 5.86
CA ILE B 35 -30.62 -7.71 5.83
C ILE B 35 -29.84 -8.75 6.64
N GLN B 36 -28.53 -8.59 6.68
CA GLN B 36 -27.73 -9.50 7.42
C GLN B 36 -28.07 -9.34 8.89
N LYS B 37 -28.12 -8.11 9.41
CA LYS B 37 -28.46 -7.96 10.83
C LYS B 37 -29.87 -8.46 11.13
N HIS B 38 -30.81 -8.22 10.23
CA HIS B 38 -32.13 -8.81 10.37
C HIS B 38 -32.07 -10.34 10.37
N PHE B 39 -31.29 -10.95 9.46
CA PHE B 39 -31.24 -12.41 9.34
C PHE B 39 -30.55 -13.04 10.55
N GLU B 40 -29.56 -12.36 11.11
CA GLU B 40 -28.77 -12.92 12.17
C GLU B 40 -29.55 -12.97 13.47
N HIS B 41 -30.56 -12.13 13.55
CA HIS B 41 -31.38 -11.99 14.74
C HIS B 41 -32.66 -12.84 14.65
N LEU B 42 -32.98 -13.29 13.44
CA LEU B 42 -34.02 -14.29 13.22
C LEU B 42 -33.74 -15.56 14.06
N SER B 43 -34.78 -16.32 14.40
CA SER B 43 -34.60 -17.65 15.02
C SER B 43 -33.99 -18.68 14.06
N ASN B 44 -33.44 -19.75 14.61
CA ASN B 44 -32.90 -20.85 13.80
C ASN B 44 -33.88 -21.41 12.77
N ASP B 45 -35.09 -21.70 13.21
CA ASP B 45 -36.11 -22.18 12.30
C ASP B 45 -36.41 -21.16 11.18
N GLN B 46 -36.40 -19.88 11.49
CA GLN B 46 -36.63 -18.86 10.45
C GLN B 46 -35.50 -18.73 9.43
N LYS B 47 -34.26 -18.75 9.91
CA LYS B 47 -33.11 -18.70 9.00
C LYS B 47 -33.21 -19.77 7.91
N ASP B 48 -33.61 -20.99 8.28
CA ASP B 48 -33.75 -22.09 7.31
C ASP B 48 -34.79 -21.76 6.25
N SER B 49 -35.90 -21.14 6.66
CA SER B 49 -36.97 -20.76 5.68
C SER B 49 -36.71 -19.44 4.92
N HIS B 50 -35.90 -18.55 5.50
CA HIS B 50 -35.63 -17.23 4.90
C HIS B 50 -34.45 -17.16 3.92
N VAL B 51 -33.54 -18.16 3.96
CA VAL B 51 -32.29 -18.08 3.18
C VAL B 51 -32.50 -17.84 1.70
N ASN B 52 -33.36 -18.59 1.06
CA ASN B 52 -33.52 -18.33 -0.38
C ASN B 52 -34.94 -17.86 -0.67
N ASN B 53 -35.51 -17.15 0.27
CA ASN B 53 -36.89 -16.79 0.16
C ASN B 53 -37.05 -15.47 -0.57
N GLU B 55 -39.55 -13.71 -1.79
CA GLU B 55 -40.53 -12.80 -1.22
C GLU B 55 -39.90 -11.96 -0.10
N TYR B 56 -39.24 -12.63 0.84
CA TYR B 56 -38.53 -11.97 1.93
C TYR B 56 -37.53 -10.92 1.44
N GLN B 58 -37.28 -9.39 -1.75
CA GLN B 58 -37.98 -8.30 -2.41
C GLN B 58 -38.67 -7.38 -1.42
N LYS B 59 -39.28 -7.95 -0.39
CA LYS B 59 -39.98 -7.12 0.58
C LYS B 59 -39.00 -6.20 1.25
N PHE B 60 -37.85 -6.77 1.56
CA PHE B 60 -36.81 -6.06 2.25
C PHE B 60 -36.27 -4.92 1.40
N VAL B 61 -35.95 -5.21 0.14
CA VAL B 61 -35.41 -4.21 -0.79
C VAL B 61 -36.43 -3.09 -1.02
N GLN B 62 -37.71 -3.46 -1.07
CA GLN B 62 -38.73 -2.46 -1.27
C GLN B 62 -38.87 -1.61 -0.06
N GLY B 63 -38.70 -2.18 1.13
CA GLY B 63 -38.82 -1.42 2.37
C GLY B 63 -37.65 -0.50 2.48
N LEU B 64 -36.48 -0.99 2.08
CA LEU B 64 -35.26 -0.22 2.19
C LEU B 64 -35.31 0.98 1.22
N GLN B 65 -35.79 0.76 0.00
CA GLN B 65 -35.91 1.86 -0.96
C GLN B 65 -36.71 3.00 -0.33
N GLU B 66 -37.84 2.66 0.27
CA GLU B 66 -38.79 3.60 0.83
C GLU B 66 -38.20 4.38 2.00
N ASN B 67 -37.59 3.65 2.93
CA ASN B 67 -36.96 4.22 4.11
C ASN B 67 -35.78 5.13 3.79
N ARG B 68 -35.06 4.78 2.74
CA ARG B 68 -33.88 5.55 2.34
C ARG B 68 -34.21 6.60 1.30
N ASN B 69 -35.49 6.77 1.03
CA ASN B 69 -35.96 7.67 -0.04
C ASN B 69 -35.05 7.63 -1.28
N ILE B 70 -34.88 6.43 -1.83
CA ILE B 70 -34.12 6.22 -3.04
C ILE B 70 -34.94 5.25 -3.86
N SER B 71 -35.09 5.57 -5.14
CA SER B 71 -35.95 4.78 -5.99
C SER B 71 -35.12 4.11 -7.08
N LEU B 72 -34.81 2.84 -6.86
CA LEU B 72 -34.14 2.00 -7.86
C LEU B 72 -35.04 1.80 -9.05
N SER B 73 -34.46 1.61 -10.23
CA SER B 73 -35.26 1.12 -11.36
C SER B 73 -35.65 -0.34 -11.14
N LYS B 74 -36.66 -0.78 -11.90
CA LYS B 74 -37.09 -2.18 -11.85
C LYS B 74 -35.89 -3.08 -12.06
N TYR B 75 -35.11 -2.76 -13.07
CA TYR B 75 -33.93 -3.52 -13.41
C TYR B 75 -32.99 -3.59 -12.19
N GLN B 76 -32.78 -2.43 -11.57
CA GLN B 76 -31.87 -2.32 -10.48
C GLN B 76 -32.37 -3.09 -9.26
N GLU B 77 -33.68 -2.99 -8.99
CA GLU B 77 -34.31 -3.60 -7.84
C GLU B 77 -34.15 -5.12 -7.93
N ASN B 78 -34.38 -5.65 -9.14
CA ASN B 78 -34.21 -7.08 -9.39
C ASN B 78 -32.76 -7.57 -9.21
N LYS B 79 -31.81 -6.79 -9.68
CA LYS B 79 -30.40 -7.08 -9.48
C LYS B 79 -30.03 -6.98 -7.96
N ALA B 80 -30.57 -5.98 -7.27
CA ALA B 80 -30.36 -5.87 -5.82
C ALA B 80 -30.83 -7.11 -5.02
N VAL B 81 -32.06 -7.55 -5.30
CA VAL B 81 -32.60 -8.81 -4.76
C VAL B 81 -31.66 -9.99 -5.03
N ASP B 83 -28.56 -9.94 -5.55
CA ASP B 83 -27.31 -9.70 -4.82
C ASP B 83 -27.50 -10.09 -3.37
N LEU B 84 -28.66 -9.69 -2.82
CA LEU B 84 -28.98 -10.05 -1.44
C LEU B 84 -29.06 -11.54 -1.27
N LYS B 85 -29.64 -12.23 -2.25
CA LYS B 85 -29.66 -13.69 -2.25
C LYS B 85 -28.26 -14.27 -2.05
N TYR B 86 -27.31 -13.82 -2.87
CA TYR B 86 -25.99 -14.37 -2.76
C TYR B 86 -25.37 -14.06 -1.38
N HIS B 87 -25.51 -12.82 -0.95
CA HIS B 87 -25.00 -12.42 0.33
C HIS B 87 -25.56 -13.31 1.44
N LEU B 88 -26.86 -13.59 1.41
CA LEU B 88 -27.51 -14.26 2.50
C LEU B 88 -27.10 -15.72 2.60
N GLN B 89 -26.80 -16.36 1.48
CA GLN B 89 -26.31 -17.73 1.47
C GLN B 89 -24.99 -17.85 2.18
N LYS B 90 -24.15 -16.82 2.02
CA LYS B 90 -22.89 -16.77 2.74
C LYS B 90 -23.07 -16.47 4.23
N VAL B 91 -24.01 -15.57 4.55
CA VAL B 91 -24.32 -15.31 5.94
C VAL B 91 -24.78 -16.62 6.57
N TYR B 92 -25.66 -17.32 5.90
CA TYR B 92 -26.13 -18.62 6.38
C TYR B 92 -25.01 -19.67 6.45
N ALA B 93 -24.08 -19.66 5.50
CA ALA B 93 -22.99 -20.62 5.55
C ALA B 93 -22.27 -20.44 6.85
N ASN B 94 -22.03 -19.18 7.19
CA ASN B 94 -21.30 -18.85 8.40
C ASN B 94 -22.06 -19.30 9.64
N TYR B 95 -23.35 -19.02 9.72
CA TYR B 95 -24.22 -19.52 10.79
C TYR B 95 -24.12 -21.03 10.98
N LEU B 96 -24.33 -21.79 9.89
CA LEU B 96 -24.23 -23.25 9.97
C LEU B 96 -22.88 -23.71 10.51
N SER B 97 -21.80 -23.02 10.15
CA SER B 97 -20.50 -23.53 10.58
C SER B 97 -20.24 -23.21 12.06
N GLN B 98 -20.70 -22.03 12.49
CA GLN B 98 -20.69 -21.67 13.90
C GLN B 98 -21.63 -22.56 14.73
N GLU B 99 -22.81 -22.88 14.19
CA GLU B 99 -23.82 -23.67 14.90
C GLU B 99 -23.37 -25.13 15.12
N GLU B 100 -22.61 -25.66 14.17
CA GLU B 100 -22.25 -27.07 14.24
C GLU B 100 -20.99 -27.37 15.05
N ASN B 101 -20.47 -28.48 15.00
N ASN C 2 41.26 4.60 4.41
CA ASN C 2 41.80 4.22 3.11
C ASN C 2 42.58 2.89 3.01
N LYS C 3 42.13 1.82 3.62
CA LYS C 3 42.73 0.56 3.24
C LYS C 3 41.61 -0.32 2.78
N ILE C 4 41.85 -1.20 1.83
CA ILE C 4 40.78 -2.07 1.43
C ILE C 4 40.88 -3.42 2.04
N ASN C 5 39.74 -3.93 2.42
CA ASN C 5 39.60 -5.23 3.05
C ASN C 5 39.32 -6.29 1.99
N LEU C 6 40.17 -7.31 1.93
CA LEU C 6 40.03 -8.39 0.95
C LEU C 6 39.47 -9.67 1.54
N ASN C 7 39.16 -9.63 2.83
CA ASN C 7 38.59 -10.77 3.55
C ASN C 7 37.06 -10.85 3.43
N LYS C 8 36.43 -9.80 2.92
CA LYS C 8 35.00 -9.81 2.61
C LYS C 8 34.74 -10.63 1.33
N PRO C 9 33.72 -11.50 1.34
CA PRO C 9 33.40 -12.23 0.11
C PRO C 9 32.75 -11.36 -0.99
N ILE C 10 32.89 -11.80 -2.24
CA ILE C 10 32.30 -11.16 -3.40
C ILE C 10 30.78 -11.12 -3.29
N ILE C 11 30.19 -9.94 -3.42
CA ILE C 11 28.75 -9.77 -3.41
C ILE C 11 28.31 -9.44 -4.82
N GLU C 12 27.14 -9.94 -5.22
CA GLU C 12 26.54 -9.59 -6.50
C GLU C 12 26.37 -8.06 -6.60
N ASN C 13 26.85 -7.46 -7.68
CA ASN C 13 26.58 -6.04 -7.90
C ASN C 13 25.12 -5.90 -8.30
N LYS C 14 24.35 -5.20 -7.46
CA LYS C 14 22.93 -4.99 -7.70
C LYS C 14 22.55 -3.76 -8.53
N ASN C 15 23.52 -2.90 -8.85
CA ASN C 15 23.24 -1.65 -9.51
C ASN C 15 23.35 -1.74 -11.03
N ASN C 16 22.34 -1.22 -11.74
CA ASN C 16 22.33 -1.16 -13.22
C ASN C 16 22.26 0.26 -13.78
N VAL C 17 22.53 1.25 -12.92
CA VAL C 17 22.65 2.65 -13.35
C VAL C 17 24.12 3.09 -13.48
N ASP C 18 24.64 3.08 -14.70
CA ASP C 18 26.04 3.43 -14.96
C ASP C 18 26.43 4.79 -14.37
N VAL C 19 27.65 4.90 -13.81
CA VAL C 19 28.21 6.22 -13.55
C VAL C 19 28.71 6.77 -14.89
N SER C 20 28.99 8.06 -14.93
CA SER C 20 29.49 8.70 -16.15
C SER C 20 30.79 8.12 -16.67
N ILE C 21 31.06 8.31 -17.95
CA ILE C 21 32.32 7.87 -18.52
C ILE C 21 33.54 8.54 -17.84
N LYS C 22 33.46 9.85 -17.60
CA LYS C 22 34.51 10.56 -16.86
C LYS C 22 34.79 9.93 -15.48
N ARG C 23 33.75 9.68 -14.69
CA ARG C 23 33.88 9.09 -13.35
C ARG C 23 34.33 7.64 -13.40
N TYR C 24 33.91 6.90 -14.41
CA TYR C 24 34.40 5.55 -14.61
C TYR C 24 35.90 5.52 -14.95
N ASN C 25 36.32 6.30 -15.96
CA ASN C 25 37.73 6.30 -16.32
C ASN C 25 38.62 6.72 -15.16
N ASN C 26 38.16 7.69 -14.37
CA ASN C 26 38.95 8.21 -13.28
C ASN C 26 39.05 7.15 -12.17
N PHE C 27 37.97 6.43 -11.90
CA PHE C 27 37.95 5.31 -10.96
C PHE C 27 38.95 4.23 -11.39
N VAL C 28 38.90 3.85 -12.67
CA VAL C 28 39.81 2.87 -13.22
C VAL C 28 41.27 3.30 -13.14
N ASP C 29 41.54 4.59 -13.28
CA ASP C 29 42.92 5.10 -13.13
C ASP C 29 43.38 4.92 -11.69
N ILE C 30 42.59 5.39 -10.75
CA ILE C 30 42.87 5.18 -9.33
C ILE C 30 43.04 3.67 -9.05
N ALA C 31 42.13 2.87 -9.59
CA ALA C 31 42.15 1.44 -9.35
C ALA C 31 43.44 0.83 -9.85
N ARG C 32 43.85 1.23 -11.05
CA ARG C 32 45.10 0.77 -11.61
C ARG C 32 46.26 1.07 -10.69
N LEU C 33 46.33 2.31 -10.21
CA LEU C 33 47.46 2.69 -9.38
C LEU C 33 47.42 2.00 -8.04
N SER C 34 46.25 1.85 -7.45
CA SER C 34 46.27 1.27 -6.13
C SER C 34 46.50 -0.23 -6.12
N ILE C 35 45.97 -0.93 -7.12
CA ILE C 35 46.19 -2.36 -7.16
C ILE C 35 47.66 -2.62 -7.51
N GLN C 36 48.21 -1.80 -8.39
CA GLN C 36 49.63 -1.87 -8.71
C GLN C 36 50.46 -1.71 -7.42
N LYS C 37 50.12 -0.71 -6.59
CA LYS C 37 50.84 -0.54 -5.34
C LYS C 37 50.75 -1.79 -4.44
N HIS C 38 49.55 -2.34 -4.31
CA HIS C 38 49.33 -3.51 -3.49
C HIS C 38 50.11 -4.71 -4.03
N PHE C 39 50.03 -4.96 -5.33
CA PHE C 39 50.72 -6.08 -5.99
C PHE C 39 52.25 -5.94 -5.97
N GLU C 40 52.75 -4.71 -6.07
CA GLU C 40 54.20 -4.51 -5.99
C GLU C 40 54.73 -4.80 -4.59
N HIS C 41 53.88 -4.67 -3.57
CA HIS C 41 54.24 -4.95 -2.18
C HIS C 41 54.03 -6.44 -1.78
N LEU C 42 53.29 -7.18 -2.57
CA LEU C 42 53.17 -8.63 -2.39
C LEU C 42 54.56 -9.25 -2.43
N SER C 43 54.70 -10.44 -1.84
CA SER C 43 55.95 -11.22 -1.96
C SER C 43 55.97 -11.91 -3.29
N ASN C 44 57.15 -12.27 -3.76
CA ASN C 44 57.29 -12.98 -5.05
C ASN C 44 56.30 -14.14 -5.29
N ASP C 45 56.08 -14.98 -4.27
CA ASP C 45 55.15 -16.11 -4.43
C ASP C 45 53.68 -15.68 -4.59
N GLN C 46 53.27 -14.61 -3.92
CA GLN C 46 51.93 -14.07 -4.11
C GLN C 46 51.73 -13.42 -5.45
N LYS C 47 52.69 -12.61 -5.89
CA LYS C 47 52.68 -12.11 -7.27
C LYS C 47 52.32 -13.21 -8.28
N ASP C 48 52.99 -14.36 -8.19
CA ASP C 48 52.75 -15.43 -9.17
C ASP C 48 51.33 -15.94 -9.16
N SER C 49 50.71 -16.03 -7.99
CA SER C 49 49.33 -16.54 -7.93
C SER C 49 48.25 -15.45 -8.01
N HIS C 50 48.60 -14.17 -7.85
CA HIS C 50 47.62 -13.09 -7.86
C HIS C 50 47.42 -12.48 -9.26
N VAL C 51 48.43 -12.54 -10.12
CA VAL C 51 48.40 -11.84 -11.41
C VAL C 51 47.18 -12.09 -12.32
N ASN C 52 46.72 -13.34 -12.41
CA ASN C 52 45.48 -13.57 -13.17
C ASN C 52 44.36 -14.07 -12.25
N ASN C 53 44.34 -13.57 -11.03
CA ASN C 53 43.44 -14.13 -10.06
C ASN C 53 42.22 -13.26 -10.00
N GLU C 55 39.30 -13.58 -8.49
CA GLU C 55 38.72 -13.37 -7.15
C GLU C 55 39.39 -12.18 -6.50
N TYR C 56 40.72 -12.16 -6.57
CA TYR C 56 41.52 -11.08 -6.00
C TYR C 56 41.15 -9.73 -6.58
N GLN C 58 38.43 -8.81 -8.33
CA GLN C 58 37.07 -8.49 -7.97
C GLN C 58 36.92 -8.00 -6.55
N LYS C 59 37.56 -8.70 -5.59
CA LYS C 59 37.48 -8.27 -4.20
C LYS C 59 38.02 -6.87 -4.07
N PHE C 60 39.05 -6.59 -4.86
CA PHE C 60 39.73 -5.34 -4.82
C PHE C 60 38.85 -4.25 -5.40
N VAL C 61 38.15 -4.57 -6.50
CA VAL C 61 37.27 -3.61 -7.13
C VAL C 61 36.06 -3.30 -6.24
N GLN C 62 35.51 -4.32 -5.58
CA GLN C 62 34.45 -4.07 -4.60
C GLN C 62 34.90 -3.26 -3.38
N GLY C 63 36.13 -3.47 -2.91
CA GLY C 63 36.61 -2.78 -1.73
C GLY C 63 36.78 -1.32 -2.06
N LEU C 64 37.26 -1.07 -3.28
CA LEU C 64 37.55 0.27 -3.75
C LEU C 64 36.29 1.07 -3.96
N GLN C 65 35.26 0.47 -4.53
CA GLN C 65 33.94 1.12 -4.63
C GLN C 65 33.41 1.62 -3.27
N GLU C 66 33.51 0.77 -2.27
CA GLU C 66 33.01 1.04 -0.93
C GLU C 66 33.87 2.09 -0.25
N ASN C 67 35.18 1.88 -0.29
CA ASN C 67 36.17 2.82 0.25
C ASN C 67 36.05 4.22 -0.38
N ARG C 68 35.70 4.28 -1.67
CA ARG C 68 35.64 5.56 -2.40
C ARG C 68 34.22 6.09 -2.47
N ASN C 69 33.27 5.32 -1.97
CA ASN C 69 31.86 5.70 -1.98
C ASN C 69 31.28 5.99 -3.37
N ILE C 70 31.73 5.24 -4.35
CA ILE C 70 31.17 5.30 -5.70
C ILE C 70 30.63 3.91 -5.97
N SER C 71 29.49 3.84 -6.65
CA SER C 71 28.88 2.58 -6.97
C SER C 71 28.76 2.46 -8.48
N LEU C 72 29.62 1.63 -9.04
CA LEU C 72 29.63 1.31 -10.46
C LEU C 72 28.45 0.41 -10.74
N SER C 73 27.94 0.46 -11.96
CA SER C 73 26.99 -0.58 -12.39
C SER C 73 27.68 -1.93 -12.49
N LYS C 74 26.88 -3.00 -12.51
CA LYS C 74 27.41 -4.37 -12.67
C LYS C 74 28.28 -4.43 -13.90
N TYR C 75 27.80 -3.92 -15.02
CA TYR C 75 28.56 -3.97 -16.24
C TYR C 75 29.88 -3.19 -16.11
N GLN C 76 29.89 -2.06 -15.40
CA GLN C 76 31.09 -1.28 -15.29
C GLN C 76 32.09 -2.00 -14.39
N GLU C 77 31.59 -2.58 -13.29
CA GLU C 77 32.43 -3.34 -12.38
C GLU C 77 33.17 -4.45 -13.13
N ASN C 78 32.43 -5.25 -13.90
CA ASN C 78 33.06 -6.28 -14.73
C ASN C 78 34.10 -5.73 -15.71
N LYS C 79 33.75 -4.63 -16.39
CA LYS C 79 34.69 -3.93 -17.26
C LYS C 79 35.96 -3.43 -16.49
N ALA C 80 35.76 -2.87 -15.31
CA ALA C 80 36.88 -2.51 -14.45
C ALA C 80 37.80 -3.70 -14.12
N VAL C 81 37.21 -4.83 -13.71
CA VAL C 81 37.98 -6.02 -13.37
C VAL C 81 38.86 -6.49 -14.51
N ASP C 83 39.98 -4.67 -16.98
CA ASP C 83 41.01 -3.65 -17.10
C ASP C 83 42.18 -3.87 -16.13
N LEU C 84 41.87 -4.17 -14.87
CA LEU C 84 42.91 -4.42 -13.88
C LEU C 84 43.75 -5.68 -14.18
N LYS C 85 43.10 -6.72 -14.71
CA LYS C 85 43.78 -7.90 -15.25
C LYS C 85 44.83 -7.49 -16.29
N TYR C 86 44.41 -6.67 -17.25
CA TYR C 86 45.35 -6.25 -18.26
C TYR C 86 46.51 -5.50 -17.62
N HIS C 87 46.19 -4.60 -16.69
CA HIS C 87 47.20 -3.77 -16.03
C HIS C 87 48.15 -4.63 -15.23
N LEU C 88 47.61 -5.58 -14.47
CA LEU C 88 48.47 -6.37 -13.62
C LEU C 88 49.47 -7.22 -14.42
N GLN C 89 49.02 -7.80 -15.52
CA GLN C 89 49.90 -8.57 -16.40
C GLN C 89 51.12 -7.76 -16.82
N LYS C 90 50.89 -6.49 -17.16
CA LYS C 90 51.98 -5.65 -17.55
C LYS C 90 52.86 -5.20 -16.39
N VAL C 91 52.26 -5.03 -15.21
CA VAL C 91 53.00 -4.72 -13.99
C VAL C 91 53.90 -5.93 -13.70
N TYR C 92 53.34 -7.13 -13.82
CA TYR C 92 54.06 -8.37 -13.66
C TYR C 92 55.18 -8.54 -14.68
N ALA C 93 54.88 -8.23 -15.94
CA ALA C 93 55.90 -8.25 -16.99
C ALA C 93 57.14 -7.47 -16.54
N ASN C 94 56.94 -6.26 -16.05
CA ASN C 94 58.05 -5.42 -15.62
C ASN C 94 58.83 -6.01 -14.41
N TYR C 95 58.11 -6.47 -13.39
CA TYR C 95 58.74 -7.14 -12.27
C TYR C 95 59.59 -8.31 -12.74
N LEU C 96 59.09 -9.07 -13.73
CA LEU C 96 59.83 -10.21 -14.26
C LEU C 96 61.12 -9.77 -14.91
N SER C 97 61.06 -8.71 -15.70
CA SER C 97 62.26 -8.19 -16.32
C SER C 97 63.26 -7.76 -15.26
N GLN C 98 62.80 -6.89 -14.36
CA GLN C 98 63.62 -6.36 -13.29
C GLN C 98 64.26 -7.47 -12.49
N GLU C 99 63.47 -8.46 -12.10
CA GLU C 99 63.95 -9.58 -11.29
C GLU C 99 65.10 -10.31 -11.96
N GLU C 100 65.15 -10.24 -13.29
CA GLU C 100 66.15 -10.98 -14.05
C GLU C 100 67.44 -10.19 -14.27
N ASN C 101 67.48 -9.00 -14.61
N ASN D 2 57.76 32.39 -5.40
CA ASN D 2 56.45 32.07 -4.74
C ASN D 2 55.40 31.63 -5.77
N LYS D 3 55.76 31.81 -7.03
CA LYS D 3 55.01 31.25 -8.16
C LYS D 3 55.84 30.14 -8.79
N ILE D 4 55.15 29.12 -9.29
CA ILE D 4 55.82 28.04 -10.01
C ILE D 4 55.73 28.36 -11.50
N ASN D 5 56.88 28.42 -12.17
CA ASN D 5 56.91 28.68 -13.60
C ASN D 5 56.73 27.39 -14.35
N LEU D 6 55.62 27.29 -15.09
CA LEU D 6 55.33 26.07 -15.84
C LEU D 6 55.74 26.24 -17.29
N ASN D 7 56.21 27.44 -17.63
CA ASN D 7 56.68 27.70 -18.97
C ASN D 7 58.12 27.24 -19.26
N LYS D 8 58.91 26.93 -18.22
CA LYS D 8 60.28 26.41 -18.39
C LYS D 8 60.23 24.97 -18.89
N PRO D 9 61.14 24.60 -19.81
CA PRO D 9 61.26 23.19 -20.21
C PRO D 9 61.71 22.26 -19.08
N ILE D 10 61.43 20.97 -19.22
CA ILE D 10 61.88 19.95 -18.30
C ILE D 10 63.35 19.65 -18.52
N ILE D 11 64.18 19.84 -17.48
CA ILE D 11 65.60 19.54 -17.60
C ILE D 11 65.85 18.17 -17.00
N GLU D 12 66.85 17.46 -17.50
CA GLU D 12 67.18 16.14 -16.95
C GLU D 12 67.68 16.26 -15.51
N ASN D 13 67.13 15.46 -14.60
CA ASN D 13 67.58 15.48 -13.21
C ASN D 13 68.89 14.69 -13.06
N LYS D 14 69.92 15.42 -12.62
CA LYS D 14 71.30 14.94 -12.63
C LYS D 14 71.87 14.59 -11.25
N ASN D 15 71.01 14.15 -10.34
CA ASN D 15 71.39 13.84 -8.97
C ASN D 15 71.15 12.40 -8.63
N ASN D 16 72.12 11.75 -7.99
CA ASN D 16 71.97 10.37 -7.51
C ASN D 16 71.94 10.30 -5.99
N VAL D 17 72.14 11.46 -5.35
CA VAL D 17 72.17 11.49 -3.91
C VAL D 17 70.80 11.83 -3.34
N ASP D 18 70.07 10.80 -2.91
CA ASP D 18 68.83 10.98 -2.16
C ASP D 18 68.98 12.06 -1.08
N VAL D 19 68.03 12.98 -1.06
CA VAL D 19 67.83 13.84 0.05
C VAL D 19 67.33 12.93 1.20
N SER D 20 67.37 13.39 2.44
CA SER D 20 66.92 12.54 3.54
C SER D 20 65.43 12.15 3.44
N ILE D 21 65.08 11.00 4.01
CA ILE D 21 63.71 10.52 3.99
C ILE D 21 62.72 11.55 4.55
N LYS D 22 62.98 12.03 5.75
CA LYS D 22 62.14 13.03 6.37
C LYS D 22 61.95 14.27 5.49
N ARG D 23 63.00 14.75 4.84
CA ARG D 23 62.89 15.88 3.93
C ARG D 23 62.15 15.52 2.66
N TYR D 24 62.30 14.29 2.21
CA TYR D 24 61.63 13.85 1.01
C TYR D 24 60.12 13.80 1.24
N ASN D 25 59.72 13.20 2.37
CA ASN D 25 58.28 13.03 2.68
C ASN D 25 57.58 14.36 2.92
N ASN D 26 58.24 15.25 3.66
CA ASN D 26 57.72 16.58 3.90
C ASN D 26 57.60 17.36 2.59
N PHE D 27 58.58 17.20 1.71
CA PHE D 27 58.53 17.86 0.39
C PHE D 27 57.32 17.40 -0.42
N VAL D 28 57.10 16.08 -0.46
CA VAL D 28 55.94 15.50 -1.13
C VAL D 28 54.62 15.94 -0.49
N ASP D 29 54.60 16.19 0.82
CA ASP D 29 53.41 16.66 1.47
C ASP D 29 53.06 18.06 0.96
N ILE D 30 54.10 18.88 0.77
CA ILE D 30 53.97 20.24 0.35
C ILE D 30 53.58 20.23 -1.11
N ALA D 31 54.16 19.31 -1.87
CA ALA D 31 53.92 19.22 -3.31
C ALA D 31 52.48 18.82 -3.60
N ARG D 32 51.96 17.88 -2.81
CA ARG D 32 50.55 17.52 -2.88
C ARG D 32 49.61 18.69 -2.65
N LEU D 33 49.85 19.47 -1.59
CA LEU D 33 48.96 20.56 -1.26
C LEU D 33 49.09 21.67 -2.27
N SER D 34 50.30 21.94 -2.71
CA SER D 34 50.45 23.02 -3.63
C SER D 34 49.89 22.71 -5.02
N ILE D 35 50.15 21.52 -5.53
CA ILE D 35 49.64 21.18 -6.84
C ILE D 35 48.12 21.01 -6.75
N GLN D 36 47.61 20.63 -5.59
CA GLN D 36 46.20 20.47 -5.45
C GLN D 36 45.54 21.84 -5.56
N LYS D 37 46.10 22.83 -4.85
CA LYS D 37 45.58 24.21 -4.94
C LYS D 37 45.60 24.76 -6.36
N HIS D 38 46.66 24.45 -7.10
CA HIS D 38 46.76 24.91 -8.45
C HIS D 38 45.67 24.23 -9.28
N PHE D 39 45.59 22.92 -9.21
CA PHE D 39 44.62 22.17 -9.95
C PHE D 39 43.17 22.61 -9.62
N GLU D 40 42.90 22.92 -8.36
CA GLU D 40 41.53 23.22 -7.97
C GLU D 40 41.08 24.56 -8.54
N HIS D 41 42.06 25.42 -8.74
CA HIS D 41 41.86 26.73 -9.31
C HIS D 41 41.74 26.70 -10.86
N LEU D 42 42.12 25.60 -11.49
CA LEU D 42 42.00 25.51 -12.94
C LEU D 42 40.52 25.57 -13.39
N SER D 43 40.24 25.86 -14.64
CA SER D 43 38.89 25.70 -15.18
C SER D 43 38.59 24.24 -15.43
N ASN D 44 37.30 23.89 -15.45
CA ASN D 44 36.87 22.53 -15.77
C ASN D 44 37.62 21.87 -16.93
N ASP D 45 37.78 22.60 -18.04
CA ASP D 45 38.37 22.00 -19.25
C ASP D 45 39.86 21.72 -19.01
N GLN D 46 40.53 22.62 -18.31
CA GLN D 46 41.90 22.35 -17.88
C GLN D 46 42.06 21.19 -16.89
N LYS D 47 41.15 21.06 -15.92
CA LYS D 47 41.22 19.87 -15.04
C LYS D 47 41.22 18.58 -15.87
N ASP D 48 40.34 18.50 -16.88
CA ASP D 48 40.18 17.28 -17.66
C ASP D 48 41.47 16.91 -18.39
N SER D 49 42.18 17.91 -18.91
CA SER D 49 43.46 17.63 -19.60
C SER D 49 44.69 17.63 -18.68
N HIS D 50 44.59 18.19 -17.47
CA HIS D 50 45.75 18.13 -16.54
C HIS D 50 45.87 16.89 -15.66
N VAL D 51 44.78 16.19 -15.31
CA VAL D 51 44.94 14.94 -14.54
C VAL D 51 45.77 14.06 -15.43
N ASN D 52 46.70 13.31 -14.87
CA ASN D 52 47.47 12.42 -15.76
C ASN D 52 48.33 13.10 -16.81
N ASN D 53 48.38 14.41 -16.82
CA ASN D 53 49.34 15.07 -17.69
C ASN D 53 50.74 15.04 -17.08
N GLU D 55 53.67 15.90 -18.32
CA GLU D 55 54.46 17.11 -18.56
C GLU D 55 54.18 18.15 -17.48
N TYR D 56 52.92 18.26 -17.09
CA TYR D 56 52.47 19.21 -16.11
C TYR D 56 53.03 18.90 -14.75
N GLN D 58 55.72 16.87 -13.99
CA GLN D 58 57.18 17.06 -13.98
C GLN D 58 57.51 18.53 -13.88
N LYS D 59 56.89 19.35 -14.72
CA LYS D 59 57.14 20.80 -14.66
C LYS D 59 56.91 21.29 -13.26
N PHE D 60 55.84 20.81 -12.65
CA PHE D 60 55.46 21.25 -11.34
C PHE D 60 56.51 20.84 -10.30
N VAL D 61 56.94 19.59 -10.33
CA VAL D 61 57.91 19.09 -9.35
C VAL D 61 59.27 19.77 -9.52
N GLN D 62 59.66 20.05 -10.76
CA GLN D 62 60.91 20.77 -11.00
C GLN D 62 60.80 22.21 -10.54
N GLY D 63 59.62 22.80 -10.72
CA GLY D 63 59.36 24.17 -10.27
C GLY D 63 59.53 24.31 -8.77
N LEU D 64 58.86 23.44 -8.00
CA LEU D 64 58.93 23.43 -6.54
C LEU D 64 60.34 23.21 -6.03
N GLN D 65 61.08 22.32 -6.66
CA GLN D 65 62.46 22.07 -6.27
C GLN D 65 63.33 23.35 -6.29
N GLU D 66 63.24 24.13 -7.36
CA GLU D 66 63.94 25.42 -7.46
C GLU D 66 63.47 26.39 -6.40
N ASN D 67 62.15 26.57 -6.32
CA ASN D 67 61.56 27.51 -5.39
C ASN D 67 61.84 27.19 -3.92
N ARG D 68 61.87 25.90 -3.58
CA ARG D 68 62.09 25.49 -2.21
C ARG D 68 63.58 25.26 -1.95
N ASN D 69 64.41 25.47 -2.98
CA ASN D 69 65.86 25.28 -2.86
C ASN D 69 66.24 23.90 -2.32
N ILE D 70 65.53 22.89 -2.80
CA ILE D 70 65.82 21.51 -2.46
C ILE D 70 66.02 20.79 -3.76
N SER D 71 66.88 19.80 -3.76
CA SER D 71 67.21 19.17 -4.99
C SER D 71 67.18 17.69 -4.74
N LEU D 72 66.10 17.05 -5.21
CA LEU D 72 65.87 15.62 -5.08
C LEU D 72 66.78 14.86 -6.00
N SER D 73 66.93 13.57 -5.78
CA SER D 73 67.65 12.76 -6.76
C SER D 73 66.67 12.42 -7.88
N LYS D 74 67.21 12.04 -9.05
CA LYS D 74 66.41 11.55 -10.18
C LYS D 74 65.38 10.53 -9.69
N TYR D 75 65.83 9.61 -8.87
CA TYR D 75 64.97 8.61 -8.31
C TYR D 75 63.82 9.26 -7.48
N GLN D 76 64.14 10.27 -6.66
CA GLN D 76 63.12 10.86 -5.78
C GLN D 76 62.14 11.71 -6.57
N GLU D 77 62.65 12.41 -7.56
CA GLU D 77 61.83 13.22 -8.44
C GLU D 77 60.80 12.37 -9.20
N ASN D 78 61.24 11.22 -9.74
CA ASN D 78 60.31 10.34 -10.45
C ASN D 78 59.29 9.77 -9.49
N LYS D 79 59.72 9.39 -8.31
CA LYS D 79 58.80 8.88 -7.30
C LYS D 79 57.77 9.97 -6.90
N ALA D 80 58.21 11.23 -6.80
CA ALA D 80 57.34 12.33 -6.45
C ALA D 80 56.30 12.63 -7.55
N VAL D 81 56.74 12.62 -8.82
CA VAL D 81 55.84 12.79 -9.94
C VAL D 81 54.69 11.81 -9.87
N ASP D 83 53.61 10.06 -7.28
CA ASP D 83 52.81 10.34 -6.09
C ASP D 83 51.79 11.46 -6.34
N LEU D 84 52.19 12.50 -7.06
CA LEU D 84 51.28 13.59 -7.38
C LEU D 84 50.21 13.18 -8.39
N LYS D 85 50.58 12.33 -9.35
CA LYS D 85 49.62 11.76 -10.28
C LYS D 85 48.48 11.12 -9.53
N TYR D 86 48.86 10.26 -8.59
CA TYR D 86 47.91 9.53 -7.81
C TYR D 86 47.04 10.49 -7.00
N HIS D 87 47.69 11.46 -6.37
CA HIS D 87 47.02 12.49 -5.65
C HIS D 87 46.04 13.29 -6.53
N LEU D 88 46.45 13.69 -7.73
CA LEU D 88 45.55 14.48 -8.55
C LEU D 88 44.32 13.66 -8.98
N GLN D 89 44.50 12.35 -9.14
CA GLN D 89 43.41 11.50 -9.56
C GLN D 89 42.31 11.51 -8.53
N LYS D 90 42.73 11.39 -7.28
CA LYS D 90 41.80 11.49 -6.17
C LYS D 90 41.18 12.87 -6.02
N VAL D 91 41.97 13.91 -6.22
CA VAL D 91 41.46 15.27 -6.22
C VAL D 91 40.40 15.44 -7.31
N TYR D 92 40.75 15.08 -8.53
CA TYR D 92 39.79 15.02 -9.63
C TYR D 92 38.53 14.16 -9.37
N ALA D 93 38.69 12.99 -8.73
CA ALA D 93 37.55 12.22 -8.26
C ALA D 93 36.61 13.08 -7.43
N ASN D 94 37.16 13.82 -6.47
CA ASN D 94 36.29 14.65 -5.63
C ASN D 94 35.60 15.79 -6.41
N TYR D 95 36.25 16.32 -7.44
CA TYR D 95 35.67 17.37 -8.26
C TYR D 95 34.52 16.85 -9.09
N LEU D 96 34.71 15.70 -9.73
CA LEU D 96 33.68 15.06 -10.52
C LEU D 96 32.43 14.77 -9.70
N SER D 97 32.61 14.31 -8.48
CA SER D 97 31.46 14.05 -7.61
C SER D 97 30.69 15.32 -7.29
N GLN D 98 31.40 16.35 -6.88
CA GLN D 98 30.73 17.60 -6.55
C GLN D 98 30.11 18.26 -7.80
N GLU D 99 30.76 18.18 -8.97
CA GLU D 99 30.24 18.71 -10.25
C GLU D 99 28.88 18.08 -10.65
N GLU D 100 28.70 16.81 -10.30
CA GLU D 100 27.48 16.09 -10.62
C GLU D 100 26.54 16.13 -9.42
N ASN D 101 25.90 15.12 -9.10
N ASN E 2 -60.80 -7.01 18.98
CA ASN E 2 -61.41 -7.75 20.05
C ASN E 2 -62.33 -8.85 19.51
N LYS E 3 -62.96 -8.66 18.37
CA LYS E 3 -63.98 -9.58 17.93
C LYS E 3 -63.75 -10.23 16.59
N ILE E 4 -64.06 -11.50 16.50
CA ILE E 4 -64.01 -12.12 15.21
C ILE E 4 -65.30 -11.80 14.47
N ASN E 5 -65.20 -11.28 13.28
CA ASN E 5 -66.38 -10.90 12.58
C ASN E 5 -66.62 -11.95 11.56
N LEU E 6 -67.59 -12.79 11.82
CA LEU E 6 -67.60 -14.10 11.13
C LEU E 6 -68.27 -14.02 9.75
N ASN E 7 -68.63 -12.81 9.35
CA ASN E 7 -69.36 -12.57 8.10
C ASN E 7 -68.42 -12.28 6.92
N LYS E 8 -67.21 -11.80 7.22
CA LYS E 8 -66.16 -11.56 6.22
C LYS E 8 -65.81 -12.84 5.48
N PRO E 9 -65.69 -12.78 4.14
CA PRO E 9 -65.30 -13.98 3.38
C PRO E 9 -63.81 -14.32 3.53
N ILE E 10 -63.43 -15.51 3.09
CA ILE E 10 -62.06 -15.97 3.14
C ILE E 10 -61.20 -15.18 2.16
N ILE E 11 -60.13 -14.57 2.67
CA ILE E 11 -59.12 -13.90 1.85
C ILE E 11 -57.93 -14.82 1.74
N GLU E 12 -57.58 -15.21 0.51
CA GLU E 12 -56.36 -15.99 0.25
C GLU E 12 -55.16 -15.32 0.93
N ASN E 13 -54.35 -16.15 1.60
CA ASN E 13 -53.17 -15.68 2.34
C ASN E 13 -52.01 -15.68 1.36
N LYS E 14 -51.52 -14.48 1.04
CA LYS E 14 -50.47 -14.32 0.03
C LYS E 14 -49.08 -14.11 0.64
N ASN E 15 -49.04 -14.05 1.96
CA ASN E 15 -47.78 -14.10 2.73
C ASN E 15 -47.08 -15.45 2.62
N ASN E 16 -45.78 -15.43 2.33
CA ASN E 16 -44.97 -16.65 2.28
C ASN E 16 -43.73 -16.62 3.15
N VAL E 17 -43.73 -15.70 4.11
CA VAL E 17 -42.64 -15.52 5.05
C VAL E 17 -43.08 -16.02 6.45
N ASP E 18 -42.59 -17.19 6.85
CA ASP E 18 -42.98 -17.81 8.14
C ASP E 18 -42.69 -16.86 9.33
N VAL E 19 -43.56 -16.84 10.33
CA VAL E 19 -43.16 -16.34 11.64
C VAL E 19 -42.40 -17.46 12.38
N SER E 20 -41.65 -17.10 13.42
CA SER E 20 -40.89 -18.06 14.22
C SER E 20 -41.81 -19.09 14.86
N ILE E 21 -41.26 -20.27 15.11
CA ILE E 21 -42.02 -21.36 15.72
C ILE E 21 -42.57 -20.98 17.11
N LYS E 22 -41.75 -20.37 17.94
CA LYS E 22 -42.23 -19.87 19.23
C LYS E 22 -43.51 -19.05 19.07
N ARG E 23 -43.51 -18.15 18.08
CA ARG E 23 -44.62 -17.26 17.80
C ARG E 23 -45.80 -17.99 17.19
N TYR E 24 -45.53 -19.03 16.38
CA TYR E 24 -46.55 -19.88 15.81
C TYR E 24 -47.29 -20.60 16.95
N ASN E 25 -46.52 -21.29 17.79
CA ASN E 25 -47.09 -22.08 18.86
C ASN E 25 -47.89 -21.24 19.83
N ASN E 26 -47.37 -20.07 20.20
CA ASN E 26 -48.11 -19.22 21.13
C ASN E 26 -49.41 -18.70 20.50
N PHE E 27 -49.38 -18.30 19.24
CA PHE E 27 -50.62 -18.01 18.46
C PHE E 27 -51.61 -19.20 18.38
N VAL E 28 -51.13 -20.42 18.16
CA VAL E 28 -52.03 -21.57 18.13
C VAL E 28 -52.65 -21.74 19.49
N ASP E 29 -51.90 -21.38 20.54
CA ASP E 29 -52.34 -21.59 21.92
C ASP E 29 -53.51 -20.67 22.19
N ILE E 30 -53.34 -19.43 21.80
CA ILE E 30 -54.37 -18.39 21.87
C ILE E 30 -55.58 -18.76 20.99
N ALA E 31 -55.34 -19.21 19.76
CA ALA E 31 -56.43 -19.61 18.85
C ALA E 31 -57.25 -20.78 19.42
N ARG E 32 -56.58 -21.74 20.04
CA ARG E 32 -57.32 -22.85 20.63
C ARG E 32 -58.31 -22.36 21.65
N LEU E 33 -57.85 -21.48 22.54
CA LEU E 33 -58.70 -21.02 23.62
C LEU E 33 -59.83 -20.11 23.13
N SER E 34 -59.56 -19.22 22.17
CA SER E 34 -60.60 -18.33 21.68
C SER E 34 -61.71 -19.09 20.96
N ILE E 35 -61.34 -20.03 20.09
CA ILE E 35 -62.36 -20.70 19.29
C ILE E 35 -63.13 -21.67 20.18
N GLN E 36 -62.48 -22.15 21.23
CA GLN E 36 -63.12 -23.00 22.19
C GLN E 36 -64.21 -22.21 22.94
N LYS E 37 -63.83 -21.04 23.44
CA LYS E 37 -64.77 -20.12 24.09
C LYS E 37 -65.97 -19.89 23.17
N HIS E 38 -65.70 -19.66 21.89
CA HIS E 38 -66.76 -19.46 20.92
C HIS E 38 -67.58 -20.71 20.62
N PHE E 39 -66.96 -21.88 20.66
CA PHE E 39 -67.66 -23.13 20.35
C PHE E 39 -68.55 -23.56 21.53
N GLU E 40 -68.12 -23.28 22.76
CA GLU E 40 -68.85 -23.71 23.93
C GLU E 40 -70.10 -22.85 24.17
N HIS E 41 -70.25 -21.79 23.40
CA HIS E 41 -71.37 -20.85 23.56
C HIS E 41 -72.38 -21.04 22.42
N LEU E 42 -72.00 -21.84 21.43
CA LEU E 42 -72.87 -22.25 20.36
C LEU E 42 -73.95 -23.14 20.92
N SER E 43 -75.07 -23.25 20.22
CA SER E 43 -76.10 -24.19 20.63
C SER E 43 -75.76 -25.61 20.18
N ASN E 44 -76.46 -26.60 20.73
CA ASN E 44 -76.27 -28.01 20.37
C ASN E 44 -76.19 -28.27 18.87
N ASP E 45 -77.19 -27.81 18.12
CA ASP E 45 -77.26 -28.06 16.69
C ASP E 45 -76.09 -27.39 15.95
N GLN E 46 -75.67 -26.24 16.45
CA GLN E 46 -74.60 -25.49 15.84
C GLN E 46 -73.20 -26.08 16.10
N LYS E 47 -72.99 -26.62 17.29
CA LYS E 47 -71.69 -27.18 17.52
C LYS E 47 -71.56 -28.51 16.77
N ASP E 48 -72.71 -29.09 16.47
CA ASP E 48 -72.81 -30.22 15.59
C ASP E 48 -72.37 -29.90 14.16
N SER E 49 -72.90 -28.82 13.60
CA SER E 49 -72.45 -28.35 12.28
C SER E 49 -71.02 -27.74 12.21
N HIS E 50 -70.51 -27.21 13.33
CA HIS E 50 -69.23 -26.47 13.30
C HIS E 50 -67.96 -27.26 13.70
N VAL E 51 -68.09 -28.43 14.36
CA VAL E 51 -66.91 -29.20 14.79
C VAL E 51 -65.95 -29.46 13.66
N ASN E 52 -66.46 -29.95 12.54
CA ASN E 52 -65.57 -30.29 11.45
C ASN E 52 -65.61 -29.26 10.33
N ASN E 53 -66.19 -28.10 10.62
CA ASN E 53 -66.32 -27.06 9.63
C ASN E 53 -65.06 -26.21 9.38
N GLU E 55 -64.27 -24.01 7.05
CA GLU E 55 -64.50 -22.62 6.72
C GLU E 55 -64.68 -21.77 8.00
N TYR E 56 -65.41 -22.29 8.98
CA TYR E 56 -65.52 -21.71 10.31
C TYR E 56 -64.13 -21.50 10.95
N GLN E 58 -61.20 -21.50 9.48
CA GLN E 58 -60.40 -20.56 8.73
C GLN E 58 -60.82 -19.10 8.88
N LYS E 59 -62.12 -18.82 9.02
CA LYS E 59 -62.56 -17.45 9.33
C LYS E 59 -61.90 -17.04 10.63
N PHE E 60 -61.80 -18.01 11.55
CA PHE E 60 -61.29 -17.76 12.89
C PHE E 60 -59.79 -17.43 12.95
N VAL E 61 -58.99 -18.17 12.20
CA VAL E 61 -57.54 -17.99 12.17
C VAL E 61 -57.14 -16.68 11.47
N GLN E 62 -57.92 -16.30 10.46
CA GLN E 62 -57.70 -15.08 9.71
C GLN E 62 -58.11 -13.84 10.49
N GLY E 63 -59.27 -13.89 11.13
CA GLY E 63 -59.70 -12.79 11.99
C GLY E 63 -58.72 -12.59 13.12
N LEU E 64 -58.33 -13.69 13.75
CA LEU E 64 -57.35 -13.67 14.82
C LEU E 64 -55.99 -13.09 14.36
N GLN E 65 -55.51 -13.45 13.18
CA GLN E 65 -54.28 -12.83 12.68
C GLN E 65 -54.39 -11.30 12.58
N GLU E 66 -55.57 -10.83 12.20
CA GLU E 66 -55.82 -9.42 11.90
C GLU E 66 -55.96 -8.63 13.17
N ASN E 67 -56.62 -9.22 14.16
CA ASN E 67 -56.75 -8.60 15.48
C ASN E 67 -55.42 -8.49 16.24
N ARG E 68 -54.55 -9.48 16.07
CA ARG E 68 -53.34 -9.58 16.89
C ARG E 68 -52.17 -9.09 16.07
N ASN E 69 -52.49 -8.50 14.93
CA ASN E 69 -51.47 -7.98 14.03
C ASN E 69 -50.30 -8.96 13.92
N ILE E 70 -50.62 -10.21 13.65
CA ILE E 70 -49.61 -11.21 13.34
C ILE E 70 -49.95 -11.73 11.95
N SER E 71 -48.94 -11.91 11.12
CA SER E 71 -49.22 -12.44 9.80
C SER E 71 -48.49 -13.74 9.57
N LEU E 72 -49.25 -14.82 9.64
CA LEU E 72 -48.73 -16.16 9.40
C LEU E 72 -48.57 -16.32 7.92
N SER E 73 -47.80 -17.31 7.51
CA SER E 73 -47.72 -17.64 6.10
C SER E 73 -48.85 -18.59 5.72
N LYS E 74 -49.10 -18.67 4.42
CA LYS E 74 -50.05 -19.61 3.83
C LYS E 74 -49.92 -20.98 4.51
N TYR E 75 -48.69 -21.48 4.57
CA TYR E 75 -48.45 -22.79 5.11
C TYR E 75 -48.71 -22.84 6.62
N GLN E 76 -48.39 -21.77 7.35
CA GLN E 76 -48.61 -21.74 8.80
C GLN E 76 -50.10 -21.66 9.17
N GLU E 77 -50.85 -20.88 8.39
CA GLU E 77 -52.31 -20.75 8.52
C GLU E 77 -53.08 -22.07 8.25
N ASN E 78 -52.81 -22.75 7.12
CA ASN E 78 -53.41 -24.08 6.88
C ASN E 78 -53.14 -25.05 8.03
N LYS E 79 -51.92 -25.00 8.56
CA LYS E 79 -51.47 -25.83 9.66
C LYS E 79 -52.23 -25.46 10.96
N ALA E 80 -52.50 -24.17 11.16
CA ALA E 80 -53.23 -23.70 12.33
C ALA E 80 -54.70 -24.19 12.25
N VAL E 81 -55.27 -24.16 11.05
CA VAL E 81 -56.61 -24.64 10.79
C VAL E 81 -56.70 -26.10 11.12
N ASP E 83 -54.82 -27.68 13.21
CA ASP E 83 -54.67 -27.77 14.67
C ASP E 83 -55.96 -27.45 15.45
N LEU E 84 -56.60 -26.35 15.07
CA LEU E 84 -57.84 -25.96 15.71
C LEU E 84 -58.89 -27.08 15.62
N LYS E 85 -58.95 -27.74 14.45
CA LYS E 85 -59.81 -28.90 14.22
C LYS E 85 -59.52 -30.02 15.20
N TYR E 86 -58.26 -30.34 15.39
CA TYR E 86 -57.95 -31.35 16.37
C TYR E 86 -58.50 -30.87 17.68
N HIS E 87 -58.24 -29.61 18.00
CA HIS E 87 -58.62 -29.08 19.28
C HIS E 87 -60.13 -29.14 19.51
N LEU E 88 -60.92 -28.70 18.53
CA LEU E 88 -62.36 -28.64 18.70
C LEU E 88 -63.01 -30.01 18.86
N GLN E 89 -62.44 -31.04 18.24
CA GLN E 89 -62.91 -32.41 18.40
C GLN E 89 -62.79 -32.82 19.84
N LYS E 90 -61.70 -32.43 20.46
CA LYS E 90 -61.54 -32.73 21.88
C LYS E 90 -62.43 -31.85 22.80
N VAL E 91 -62.74 -30.63 22.36
CA VAL E 91 -63.61 -29.76 23.14
C VAL E 91 -65.02 -30.33 23.08
N TYR E 92 -65.41 -30.73 21.87
CA TYR E 92 -66.68 -31.35 21.60
C TYR E 92 -66.84 -32.70 22.34
N ALA E 93 -65.83 -33.58 22.30
CA ALA E 93 -65.89 -34.81 23.11
C ALA E 93 -66.18 -34.47 24.56
N ASN E 94 -65.43 -33.53 25.11
CA ASN E 94 -65.66 -33.17 26.50
C ASN E 94 -67.13 -32.78 26.76
N TYR E 95 -67.67 -31.96 25.87
CA TYR E 95 -69.01 -31.45 26.00
C TYR E 95 -70.02 -32.58 25.89
N LEU E 96 -69.87 -33.45 24.89
CA LEU E 96 -70.76 -34.60 24.71
C LEU E 96 -70.83 -35.47 25.95
N SER E 97 -69.70 -35.69 26.61
CA SER E 97 -69.72 -36.59 27.74
C SER E 97 -70.24 -35.91 28.99
N GLN E 98 -70.17 -34.58 29.03
CA GLN E 98 -70.80 -33.83 30.12
C GLN E 98 -72.31 -33.90 30.02
N GLU E 99 -72.82 -33.85 28.82
CA GLU E 99 -74.21 -33.86 28.56
C GLU E 99 -74.89 -35.18 29.01
N GLU E 100 -74.31 -35.87 29.99
CA GLU E 100 -74.90 -36.89 30.87
C GLU E 100 -74.57 -36.52 32.33
N ASN E 101 -75.29 -35.73 32.95
N ASN F 2 17.37 18.74 0.23
CA ASN F 2 16.54 17.84 -0.62
C ASN F 2 17.28 17.24 -1.82
N LYS F 3 18.47 16.74 -1.57
CA LYS F 3 19.17 15.89 -2.52
C LYS F 3 18.44 14.55 -2.59
N ILE F 4 18.22 14.05 -3.80
CA ILE F 4 17.67 12.70 -3.99
C ILE F 4 18.80 11.69 -3.89
N ASN F 5 18.56 10.60 -3.18
CA ASN F 5 19.54 9.54 -3.03
C ASN F 5 19.19 8.40 -3.99
N LEU F 6 20.12 8.08 -4.91
CA LEU F 6 19.86 7.05 -5.91
C LEU F 6 20.71 5.79 -5.70
N ASN F 7 21.33 5.68 -4.54
CA ASN F 7 22.17 4.52 -4.22
C ASN F 7 21.41 3.43 -3.46
N LYS F 8 20.25 3.81 -2.91
CA LYS F 8 19.39 2.90 -2.13
C LYS F 8 18.66 1.92 -3.04
N PRO F 9 18.56 0.65 -2.64
CA PRO F 9 17.87 -0.34 -3.46
C PRO F 9 16.36 -0.12 -3.55
N ILE F 10 15.77 -0.63 -4.63
CA ILE F 10 14.34 -0.56 -4.85
C ILE F 10 13.62 -1.46 -3.84
N ILE F 11 13.03 -0.83 -2.83
CA ILE F 11 12.25 -1.52 -1.82
C ILE F 11 10.84 -1.75 -2.37
N GLU F 12 10.27 -2.93 -2.16
CA GLU F 12 8.92 -3.23 -2.68
C GLU F 12 7.86 -2.35 -2.01
N ASN F 13 6.90 -1.88 -2.80
CA ASN F 13 5.91 -0.95 -2.27
C ASN F 13 4.64 -1.60 -1.72
N LYS F 14 4.57 -1.62 -0.40
CA LYS F 14 3.44 -2.18 0.32
C LYS F 14 2.54 -1.03 0.77
N ASN F 15 1.56 -0.76 -0.06
CA ASN F 15 0.61 0.32 0.17
C ASN F 15 -0.47 0.19 -0.87
N ASN F 16 -1.70 0.09 -0.39
CA ASN F 16 -2.87 -0.05 -1.23
C ASN F 16 -3.77 1.17 -1.30
N VAL F 17 -3.48 2.18 -0.48
CA VAL F 17 -4.38 3.33 -0.36
C VAL F 17 -3.84 4.52 -1.16
N ASP F 18 -4.44 4.74 -2.31
CA ASP F 18 -4.08 5.88 -3.13
C ASP F 18 -4.08 7.15 -2.28
N VAL F 19 -3.07 8.00 -2.48
CA VAL F 19 -3.19 9.37 -2.05
C VAL F 19 -4.29 10.01 -2.89
N SER F 20 -4.79 11.17 -2.48
CA SER F 20 -5.85 11.85 -3.25
C SER F 20 -5.37 12.16 -4.66
N ILE F 21 -6.30 12.35 -5.59
CA ILE F 21 -5.96 12.54 -6.99
C ILE F 21 -5.19 13.85 -7.17
N LYS F 22 -5.59 14.86 -6.40
CA LYS F 22 -4.95 16.14 -6.38
C LYS F 22 -3.49 16.01 -5.91
N ARG F 23 -3.25 15.23 -4.86
CA ARG F 23 -1.88 15.06 -4.37
C ARG F 23 -1.01 14.26 -5.32
N TYR F 24 -1.59 13.25 -5.95
CA TYR F 24 -0.88 12.41 -6.89
C TYR F 24 -0.45 13.23 -8.10
N ASN F 25 -1.40 13.96 -8.68
CA ASN F 25 -1.11 14.78 -9.85
C ASN F 25 -0.01 15.84 -9.59
N ASN F 26 -0.05 16.47 -8.42
CA ASN F 26 0.89 17.53 -8.10
C ASN F 26 2.26 16.91 -7.97
N PHE F 27 2.30 15.76 -7.33
CA PHE F 27 3.56 15.06 -7.10
C PHE F 27 4.17 14.61 -8.41
N VAL F 28 3.36 14.04 -9.30
CA VAL F 28 3.84 13.69 -10.64
C VAL F 28 4.39 14.89 -11.41
N ASP F 29 3.78 16.08 -11.26
CA ASP F 29 4.28 17.29 -11.89
C ASP F 29 5.68 17.60 -11.34
N ILE F 30 5.82 17.60 -10.02
CA ILE F 30 7.09 17.78 -9.36
C ILE F 30 8.12 16.73 -9.82
N ALA F 31 7.72 15.47 -9.91
CA ALA F 31 8.63 14.40 -10.31
C ALA F 31 9.07 14.61 -11.73
N ARG F 32 8.15 15.03 -12.58
CA ARG F 32 8.48 15.39 -13.94
C ARG F 32 9.60 16.40 -13.99
N LEU F 33 9.41 17.58 -13.39
CA LEU F 33 10.42 18.62 -13.43
C LEU F 33 11.73 18.25 -12.74
N SER F 34 11.65 17.54 -11.61
CA SER F 34 12.88 17.16 -10.90
C SER F 34 13.71 16.17 -11.70
N ILE F 35 13.09 15.13 -12.23
CA ILE F 35 13.88 14.17 -12.96
C ILE F 35 14.40 14.81 -14.23
N GLN F 36 13.70 15.81 -14.73
CA GLN F 36 14.13 16.44 -15.94
C GLN F 36 15.33 17.32 -15.64
N LYS F 37 15.33 17.98 -14.51
CA LYS F 37 16.48 18.77 -14.11
C LYS F 37 17.67 17.83 -13.90
N HIS F 38 17.43 16.65 -13.34
CA HIS F 38 18.51 15.72 -13.05
C HIS F 38 19.09 15.20 -14.38
N PHE F 39 18.21 14.70 -15.25
CA PHE F 39 18.60 14.18 -16.53
C PHE F 39 19.33 15.18 -17.41
N GLU F 40 18.89 16.44 -17.42
CA GLU F 40 19.48 17.42 -18.33
C GLU F 40 20.93 17.72 -17.94
N HIS F 41 21.19 17.62 -16.63
CA HIS F 41 22.49 17.84 -16.04
C HIS F 41 23.45 16.62 -16.17
N LEU F 42 22.89 15.44 -16.44
CA LEU F 42 23.67 14.24 -16.79
C LEU F 42 24.52 14.49 -18.03
N SER F 43 25.70 13.89 -18.09
CA SER F 43 26.52 13.99 -19.31
C SER F 43 25.90 13.20 -20.46
N ASN F 44 26.35 13.48 -21.68
CA ASN F 44 25.79 12.84 -22.86
C ASN F 44 25.73 11.31 -22.79
N ASP F 45 26.82 10.67 -22.35
CA ASP F 45 26.81 9.21 -22.24
C ASP F 45 25.78 8.72 -21.21
N GLN F 46 25.67 9.43 -20.10
CA GLN F 46 24.65 9.07 -19.12
C GLN F 46 23.20 9.23 -19.60
N LYS F 47 22.93 10.31 -20.33
CA LYS F 47 21.63 10.49 -20.93
C LYS F 47 21.31 9.24 -21.74
N ASP F 48 22.26 8.80 -22.57
CA ASP F 48 21.98 7.66 -23.47
C ASP F 48 21.52 6.45 -22.69
N SER F 49 22.12 6.19 -21.53
CA SER F 49 21.80 4.95 -20.79
C SER F 49 20.73 5.13 -19.72
N HIS F 50 20.32 6.38 -19.45
CA HIS F 50 19.28 6.63 -18.48
C HIS F 50 17.88 6.72 -19.06
N VAL F 51 17.73 7.07 -20.34
CA VAL F 51 16.39 7.36 -20.93
C VAL F 51 15.33 6.30 -20.72
N ASN F 52 15.69 5.03 -20.91
CA ASN F 52 14.66 4.01 -20.72
C ASN F 52 15.02 3.09 -19.56
N ASN F 53 15.86 3.60 -18.66
CA ASN F 53 16.33 2.82 -17.57
C ASN F 53 15.31 2.80 -16.43
N GLU F 55 15.39 1.07 -13.67
CA GLU F 55 15.94 1.05 -12.33
C GLU F 55 16.13 2.47 -11.84
N TYR F 56 16.76 3.28 -12.70
CA TYR F 56 16.87 4.73 -12.56
C TYR F 56 15.58 5.41 -12.11
N GLN F 58 12.61 4.24 -10.99
CA GLN F 58 12.04 3.77 -9.75
C GLN F 58 12.80 4.31 -8.56
N LYS F 59 14.13 4.26 -8.63
CA LYS F 59 14.93 4.84 -7.57
C LYS F 59 14.54 6.29 -7.39
N PHE F 60 14.41 7.01 -8.50
CA PHE F 60 14.10 8.41 -8.42
C PHE F 60 12.73 8.59 -7.79
N VAL F 61 11.75 7.80 -8.25
CA VAL F 61 10.40 7.92 -7.70
C VAL F 61 10.36 7.50 -6.25
N GLN F 62 11.18 6.53 -5.85
CA GLN F 62 11.18 6.08 -4.47
C GLN F 62 11.83 7.07 -3.54
N GLY F 63 12.93 7.66 -4.00
CA GLY F 63 13.65 8.68 -3.23
C GLY F 63 12.86 9.96 -3.08
N LEU F 64 12.08 10.29 -4.09
CA LEU F 64 11.28 11.49 -4.06
C LEU F 64 10.13 11.36 -3.05
N GLN F 65 9.49 10.20 -3.01
CA GLN F 65 8.46 9.94 -1.99
C GLN F 65 9.00 10.15 -0.57
N GLU F 66 10.19 9.62 -0.33
CA GLU F 66 10.84 9.65 0.96
C GLU F 66 11.16 11.11 1.28
N ASN F 67 11.73 11.79 0.29
CA ASN F 67 12.13 13.17 0.41
C ASN F 67 10.97 14.15 0.68
N ARG F 68 9.83 13.90 0.04
CA ARG F 68 8.68 14.78 0.14
C ARG F 68 7.66 14.31 1.18
N ASN F 69 7.99 13.25 1.91
CA ASN F 69 7.09 12.70 2.95
C ASN F 69 5.66 12.34 2.46
N ILE F 70 5.60 11.74 1.28
CA ILE F 70 4.36 11.31 0.68
C ILE F 70 4.50 9.84 0.31
N SER F 71 3.48 9.05 0.54
CA SER F 71 3.57 7.61 0.31
C SER F 71 2.45 7.16 -0.62
N LEU F 72 2.84 6.85 -1.86
CA LEU F 72 1.94 6.51 -2.94
C LEU F 72 1.54 5.06 -2.82
N SER F 73 0.40 4.69 -3.39
CA SER F 73 0.06 3.26 -3.51
C SER F 73 0.98 2.62 -4.54
N LYS F 74 1.08 1.30 -4.53
CA LYS F 74 1.87 0.57 -5.50
C LYS F 74 1.41 0.95 -6.89
N TYR F 75 0.10 1.02 -7.05
CA TYR F 75 -0.50 1.36 -8.31
C TYR F 75 -0.03 2.75 -8.80
N GLN F 76 -0.08 3.75 -7.91
CA GLN F 76 0.29 5.12 -8.22
C GLN F 76 1.80 5.24 -8.50
N GLU F 77 2.61 4.55 -7.70
CA GLU F 77 4.06 4.53 -7.91
C GLU F 77 4.41 3.99 -9.31
N ASN F 78 3.77 2.87 -9.69
CA ASN F 78 3.93 2.27 -10.99
C ASN F 78 3.40 3.20 -12.07
N LYS F 79 2.31 3.88 -11.81
CA LYS F 79 1.83 4.81 -12.80
C LYS F 79 2.81 5.99 -12.95
N ALA F 80 3.35 6.49 -11.84
CA ALA F 80 4.29 7.60 -11.88
C ALA F 80 5.57 7.29 -12.70
N VAL F 81 6.11 6.10 -12.49
CA VAL F 81 7.33 5.64 -13.14
C VAL F 81 7.12 5.66 -14.66
N ASP F 83 4.90 7.33 -16.23
CA ASP F 83 4.77 8.73 -16.58
C ASP F 83 6.13 9.43 -16.78
N LEU F 84 7.07 9.12 -15.92
CA LEU F 84 8.40 9.72 -16.03
C LEU F 84 9.18 9.15 -17.22
N LYS F 85 8.98 7.86 -17.48
CA LYS F 85 9.49 7.23 -18.69
C LYS F 85 9.16 8.04 -19.94
N TYR F 86 7.89 8.41 -20.10
CA TYR F 86 7.41 9.08 -21.28
C TYR F 86 7.92 10.52 -21.36
N HIS F 87 7.88 11.22 -20.23
CA HIS F 87 8.48 12.54 -20.11
C HIS F 87 9.97 12.56 -20.48
N LEU F 88 10.71 11.56 -20.02
CA LEU F 88 12.12 11.48 -20.34
C LEU F 88 12.43 11.23 -21.81
N GLN F 89 11.60 10.44 -22.48
CA GLN F 89 11.78 10.21 -23.91
C GLN F 89 11.65 11.50 -24.69
N LYS F 90 10.73 12.33 -24.26
CA LYS F 90 10.53 13.60 -24.86
C LYS F 90 11.62 14.59 -24.49
N VAL F 91 12.10 14.54 -23.26
CA VAL F 91 13.20 15.39 -22.86
C VAL F 91 14.45 15.02 -23.68
N TYR F 92 14.71 13.72 -23.84
CA TYR F 92 15.78 13.24 -24.69
C TYR F 92 15.60 13.59 -26.17
N ALA F 93 14.40 13.41 -26.71
CA ALA F 93 14.12 13.86 -28.08
C ALA F 93 14.56 15.32 -28.32
N ASN F 94 14.27 16.19 -27.37
CA ASN F 94 14.58 17.62 -27.51
C ASN F 94 16.08 17.84 -27.47
N TYR F 95 16.74 17.15 -26.55
CA TYR F 95 18.16 17.15 -26.49
C TYR F 95 18.78 16.63 -27.79
N LEU F 96 18.36 15.45 -28.27
CA LEU F 96 18.91 14.92 -29.51
C LEU F 96 18.86 15.90 -30.67
N SER F 97 17.70 16.50 -30.94
CA SER F 97 17.62 17.47 -32.05
C SER F 97 18.38 18.77 -31.80
N GLN F 98 18.49 19.17 -30.55
CA GLN F 98 19.29 20.32 -30.20
C GLN F 98 20.78 20.10 -30.47
N GLU F 99 21.33 18.94 -30.11
CA GLU F 99 22.76 18.70 -30.37
C GLU F 99 23.06 18.55 -31.87
N GLU F 100 22.05 18.23 -32.66
CA GLU F 100 22.23 18.12 -34.13
C GLU F 100 22.28 19.46 -34.85
N ASN F 101 23.31 19.76 -35.45
#